data_3KER
#
_entry.id   3KER
#
_cell.length_a   82.172
_cell.length_b   82.172
_cell.length_c   144.253
_cell.angle_alpha   90.000
_cell.angle_beta   90.000
_cell.angle_gamma   120.000
#
_symmetry.space_group_name_H-M   'P 63'
#
loop_
_entity.id
_entity.type
_entity.pdbx_description
1 polymer 'D-dopachrome decarboxylase'
2 non-polymer 4-phenylpyrimidine
3 non-polymer 'CHLORIDE ION'
4 non-polymer 'SODIUM ION'
5 water water
#
_entity_poly.entity_id   1
_entity_poly.type   'polypeptide(L)'
_entity_poly.pdbx_seq_one_letter_code
;PFVELETNLPASRIPAGLENRLCAATATILDKPEDRVSVTIRPGMTLLMNKSTEPCAHLLVSSIGVVGTAEQNRTHSASF
FKFLTEELSLDQDRIVIRFFPLEAWQIGKKGTVMTFL
;
_entity_poly.pdbx_strand_id   A,B,C,D
#
loop_
_chem_comp.id
_chem_comp.type
_chem_comp.name
_chem_comp.formula
CL non-polymer 'CHLORIDE ION' 'Cl -1'
NA non-polymer 'SODIUM ION' 'Na 1'
RW1 non-polymer 4-phenylpyrimidine 'C10 H8 N2'
#
# COMPACT_ATOMS: atom_id res chain seq x y z
N PRO A 1 -9.07 -17.02 -14.93
CA PRO A 1 -8.66 -16.47 -13.64
C PRO A 1 -7.61 -15.35 -13.73
N PHE A 2 -7.54 -14.56 -12.67
CA PHE A 2 -6.59 -13.48 -12.56
C PHE A 2 -5.81 -13.65 -11.27
N VAL A 3 -4.49 -13.73 -11.38
CA VAL A 3 -3.67 -13.86 -10.18
C VAL A 3 -2.68 -12.71 -10.14
N GLU A 4 -2.67 -12.00 -9.02
CA GLU A 4 -1.75 -10.89 -8.82
C GLU A 4 -0.96 -11.12 -7.56
N LEU A 5 0.35 -11.00 -7.70
CA LEU A 5 1.28 -11.17 -6.61
C LEU A 5 1.98 -9.82 -6.41
N GLU A 6 1.73 -9.18 -5.27
CA GLU A 6 2.36 -7.91 -4.98
C GLU A 6 3.30 -8.12 -3.80
N THR A 7 4.54 -7.66 -3.92
CA THR A 7 5.51 -7.89 -2.86
C THR A 7 6.48 -6.72 -2.67
N ASN A 8 7.11 -6.66 -1.49
CA ASN A 8 8.10 -5.62 -1.21
C ASN A 8 9.47 -6.17 -1.61
N LEU A 9 9.50 -7.42 -2.04
CA LEU A 9 10.74 -8.03 -2.53
C LEU A 9 11.06 -7.35 -3.86
N PRO A 10 12.35 -7.11 -4.15
CA PRO A 10 12.75 -6.48 -5.42
C PRO A 10 12.62 -7.49 -6.55
N ALA A 11 12.42 -6.99 -7.76
CA ALA A 11 12.30 -7.86 -8.93
C ALA A 11 13.45 -8.85 -8.96
N SER A 12 14.66 -8.35 -8.76
CA SER A 12 15.84 -9.20 -8.78
C SER A 12 15.76 -10.38 -7.81
N ARG A 13 15.14 -10.18 -6.64
CA ARG A 13 15.02 -11.25 -5.67
C ARG A 13 13.88 -12.22 -5.95
N ILE A 14 13.11 -11.93 -6.99
CA ILE A 14 11.99 -12.78 -7.37
C ILE A 14 12.46 -13.83 -8.37
N PRO A 15 12.27 -15.13 -8.03
CA PRO A 15 12.65 -16.29 -8.84
C PRO A 15 12.21 -16.20 -10.29
N ALA A 16 13.16 -16.33 -11.21
CA ALA A 16 12.86 -16.27 -12.62
C ALA A 16 11.80 -17.31 -12.98
N GLY A 17 10.86 -16.89 -13.82
CA GLY A 17 9.81 -17.78 -14.24
C GLY A 17 8.69 -17.94 -13.23
N LEU A 18 8.79 -17.24 -12.10
CA LEU A 18 7.74 -17.37 -11.11
C LEU A 18 6.34 -17.22 -11.73
N GLU A 19 6.17 -16.27 -12.65
CA GLU A 19 4.85 -16.08 -13.27
C GLU A 19 4.35 -17.33 -13.98
N ASN A 20 5.26 -18.01 -14.69
CA ASN A 20 4.89 -19.22 -15.40
C ASN A 20 4.43 -20.31 -14.45
N ARG A 21 5.28 -20.59 -13.46
CA ARG A 21 4.99 -21.59 -12.45
C ARG A 21 3.69 -21.22 -11.73
N LEU A 22 3.53 -19.94 -11.40
CA LEU A 22 2.32 -19.50 -10.73
C LEU A 22 1.11 -19.70 -11.66
N CYS A 23 1.30 -19.44 -12.96
CA CYS A 23 0.22 -19.62 -13.94
C CYS A 23 -0.26 -21.07 -13.86
N ALA A 24 0.70 -21.99 -14.00
CA ALA A 24 0.41 -23.42 -13.93
C ALA A 24 -0.27 -23.80 -12.60
N ALA A 25 0.33 -23.39 -11.49
CA ALA A 25 -0.21 -23.69 -10.17
C ALA A 25 -1.66 -23.26 -10.06
N THR A 26 -1.96 -22.08 -10.58
CA THR A 26 -3.30 -21.54 -10.54
C THR A 26 -4.28 -22.42 -11.27
N ALA A 27 -3.96 -22.71 -12.53
CA ALA A 27 -4.83 -23.55 -13.35
C ALA A 27 -5.16 -24.85 -12.58
N THR A 28 -4.15 -25.45 -11.96
CA THR A 28 -4.36 -26.66 -11.21
C THR A 28 -5.22 -26.44 -9.98
N ILE A 29 -4.79 -25.53 -9.11
CA ILE A 29 -5.52 -25.27 -7.89
C ILE A 29 -6.98 -24.89 -8.11
N LEU A 30 -7.27 -24.10 -9.13
CA LEU A 30 -8.62 -23.66 -9.39
C LEU A 30 -9.37 -24.51 -10.41
N ASP A 31 -8.62 -25.37 -11.09
CA ASP A 31 -9.18 -26.24 -12.12
C ASP A 31 -9.77 -25.43 -13.28
N LYS A 32 -8.99 -24.49 -13.79
CA LYS A 32 -9.43 -23.69 -14.92
C LYS A 32 -8.34 -23.84 -15.95
N PRO A 33 -8.68 -23.68 -17.23
CA PRO A 33 -7.67 -23.83 -18.28
C PRO A 33 -6.47 -22.89 -18.11
N GLU A 34 -5.29 -23.48 -18.21
CA GLU A 34 -4.03 -22.78 -18.06
C GLU A 34 -3.87 -21.59 -19.03
N ASP A 35 -4.35 -21.75 -20.25
CA ASP A 35 -4.22 -20.70 -21.24
C ASP A 35 -5.17 -19.52 -21.05
N ARG A 36 -5.96 -19.53 -20.00
CA ARG A 36 -6.86 -18.42 -19.77
C ARG A 36 -6.52 -17.74 -18.42
N VAL A 37 -5.43 -18.20 -17.82
CA VAL A 37 -4.99 -17.67 -16.54
C VAL A 37 -4.05 -16.51 -16.79
N SER A 38 -4.31 -15.39 -16.13
CA SER A 38 -3.49 -14.18 -16.21
C SER A 38 -2.71 -14.00 -14.90
N VAL A 39 -1.39 -13.83 -15.02
CA VAL A 39 -0.58 -13.63 -13.84
C VAL A 39 0.07 -12.29 -13.94
N THR A 40 0.07 -11.55 -12.82
CA THR A 40 0.69 -10.23 -12.72
C THR A 40 1.55 -10.16 -11.47
N ILE A 41 2.78 -9.66 -11.60
CA ILE A 41 3.63 -9.53 -10.43
C ILE A 41 4.11 -8.09 -10.28
N ARG A 42 3.82 -7.49 -9.13
CA ARG A 42 4.25 -6.13 -8.85
C ARG A 42 5.32 -6.23 -7.77
N PRO A 43 6.60 -6.21 -8.17
CA PRO A 43 7.64 -6.31 -7.15
C PRO A 43 8.12 -4.94 -6.67
N GLY A 44 8.97 -4.94 -5.65
CA GLY A 44 9.51 -3.70 -5.13
C GLY A 44 8.53 -2.65 -4.67
N MET A 45 7.37 -3.07 -4.17
CA MET A 45 6.42 -2.08 -3.66
C MET A 45 6.72 -1.98 -2.15
N THR A 46 6.12 -1.00 -1.48
CA THR A 46 6.29 -0.85 -0.04
C THR A 46 5.16 -1.62 0.64
N LEU A 47 5.53 -2.62 1.44
CA LEU A 47 4.54 -3.43 2.14
C LEU A 47 4.80 -3.52 3.63
N LEU A 48 3.73 -3.45 4.41
CA LEU A 48 3.81 -3.57 5.86
C LEU A 48 2.77 -4.63 6.23
N MET A 49 3.20 -5.61 7.01
CA MET A 49 2.33 -6.69 7.44
C MET A 49 2.70 -6.97 8.90
N ASN A 50 1.70 -6.96 9.79
CA ASN A 50 1.91 -7.18 11.22
C ASN A 50 2.89 -6.13 11.73
N LYS A 51 2.61 -4.89 11.38
CA LYS A 51 3.46 -3.77 11.76
C LYS A 51 4.93 -4.06 11.48
N SER A 52 5.19 -4.78 10.40
CA SER A 52 6.56 -5.09 10.00
C SER A 52 6.76 -4.98 8.51
N THR A 53 7.92 -4.48 8.09
CA THR A 53 8.18 -4.37 6.66
C THR A 53 9.19 -5.38 6.15
N GLU A 54 9.33 -6.51 6.84
CA GLU A 54 10.25 -7.51 6.34
C GLU A 54 9.56 -8.06 5.09
N PRO A 55 10.27 -8.83 4.27
CA PRO A 55 9.63 -9.36 3.07
C PRO A 55 8.28 -10.00 3.35
N CYS A 56 7.35 -9.73 2.46
CA CYS A 56 6.00 -10.29 2.55
C CYS A 56 5.33 -10.11 1.19
N ALA A 57 4.21 -10.79 0.99
CA ALA A 57 3.49 -10.68 -0.26
C ALA A 57 1.98 -10.83 -0.12
N HIS A 58 1.27 -10.30 -1.10
CA HIS A 58 -0.18 -10.38 -1.16
C HIS A 58 -0.50 -11.12 -2.43
N LEU A 59 -1.49 -12.00 -2.35
CA LEU A 59 -1.90 -12.74 -3.52
C LEU A 59 -3.36 -12.44 -3.72
N LEU A 60 -3.71 -11.94 -4.91
CA LEU A 60 -5.10 -11.66 -5.19
C LEU A 60 -5.55 -12.66 -6.25
N VAL A 61 -6.64 -13.37 -5.95
CA VAL A 61 -7.19 -14.38 -6.85
C VAL A 61 -8.62 -14.03 -7.23
N SER A 62 -8.83 -13.82 -8.52
CA SER A 62 -10.12 -13.47 -9.08
C SER A 62 -10.52 -14.54 -10.09
N SER A 63 -11.71 -15.06 -9.94
CA SER A 63 -12.15 -16.10 -10.84
C SER A 63 -13.66 -16.24 -10.77
N ILE A 64 -14.19 -16.91 -11.80
CA ILE A 64 -15.62 -17.15 -11.92
C ILE A 64 -16.08 -18.42 -11.19
N GLY A 65 -16.97 -18.19 -10.23
CA GLY A 65 -17.55 -19.24 -9.40
C GLY A 65 -16.67 -20.37 -8.90
N VAL A 66 -15.58 -20.07 -8.21
CA VAL A 66 -14.70 -21.13 -7.71
C VAL A 66 -14.04 -20.66 -6.43
N VAL A 67 -14.21 -19.38 -6.13
CA VAL A 67 -13.61 -18.75 -4.95
C VAL A 67 -14.67 -17.96 -4.21
N GLY A 68 -15.89 -18.49 -4.18
CA GLY A 68 -16.97 -17.77 -3.53
C GLY A 68 -17.40 -18.33 -2.20
N THR A 69 -16.76 -19.40 -1.74
CA THR A 69 -17.13 -20.02 -0.46
C THR A 69 -15.92 -20.45 0.39
N ALA A 70 -16.00 -20.16 1.70
CA ALA A 70 -14.94 -20.51 2.66
C ALA A 70 -14.54 -21.96 2.44
N GLU A 71 -15.50 -22.74 2.00
CA GLU A 71 -15.32 -24.15 1.73
C GLU A 71 -14.14 -24.41 0.81
N GLN A 72 -14.29 -23.94 -0.43
CA GLN A 72 -13.29 -24.11 -1.47
C GLN A 72 -12.05 -23.21 -1.31
N ASN A 73 -12.25 -22.00 -0.82
CA ASN A 73 -11.13 -21.08 -0.62
C ASN A 73 -10.12 -21.62 0.38
N ARG A 74 -10.61 -22.41 1.35
CA ARG A 74 -9.72 -23.00 2.32
C ARG A 74 -8.75 -23.94 1.60
N THR A 75 -9.31 -24.74 0.71
CA THR A 75 -8.52 -25.69 -0.07
C THR A 75 -7.54 -24.94 -0.95
N HIS A 76 -8.03 -23.88 -1.61
CA HIS A 76 -7.21 -23.06 -2.47
C HIS A 76 -6.04 -22.45 -1.70
N SER A 77 -6.39 -21.76 -0.62
CA SER A 77 -5.42 -21.10 0.22
C SER A 77 -4.26 -22.03 0.59
N ALA A 78 -4.62 -23.23 1.03
CA ALA A 78 -3.62 -24.21 1.41
C ALA A 78 -2.65 -24.42 0.27
N SER A 79 -3.18 -24.66 -0.92
CA SER A 79 -2.36 -24.89 -2.10
C SER A 79 -1.48 -23.70 -2.45
N PHE A 80 -2.10 -22.54 -2.55
CA PHE A 80 -1.37 -21.34 -2.87
C PHE A 80 -0.29 -21.05 -1.84
N PHE A 81 -0.65 -21.19 -0.56
CA PHE A 81 0.33 -20.94 0.47
C PHE A 81 1.52 -21.88 0.29
N LYS A 82 1.23 -23.16 0.11
CA LYS A 82 2.28 -24.14 -0.07
C LYS A 82 3.18 -23.70 -1.21
N PHE A 83 2.55 -23.19 -2.28
CA PHE A 83 3.29 -22.72 -3.45
C PHE A 83 4.17 -21.51 -3.16
N LEU A 84 3.54 -20.43 -2.69
CA LEU A 84 4.26 -19.21 -2.42
C LEU A 84 5.36 -19.33 -1.37
N THR A 85 5.03 -19.88 -0.20
CA THR A 85 6.04 -20.00 0.84
C THR A 85 7.27 -20.65 0.26
N GLU A 86 7.05 -21.73 -0.48
CA GLU A 86 8.14 -22.45 -1.12
C GLU A 86 8.91 -21.54 -2.09
N GLU A 87 8.23 -21.11 -3.15
CA GLU A 87 8.82 -20.25 -4.17
C GLU A 87 9.52 -19.01 -3.64
N LEU A 88 8.79 -18.20 -2.87
CA LEU A 88 9.32 -16.95 -2.33
C LEU A 88 10.20 -17.04 -1.10
N SER A 89 10.22 -18.20 -0.45
CA SER A 89 11.05 -18.33 0.76
C SER A 89 10.51 -17.34 1.79
N LEU A 90 9.23 -17.50 2.15
CA LEU A 90 8.60 -16.66 3.14
C LEU A 90 7.81 -17.59 4.05
N ASP A 91 7.54 -17.14 5.27
CA ASP A 91 6.77 -17.95 6.18
C ASP A 91 5.31 -17.59 6.02
N GLN A 92 4.43 -18.48 6.46
CA GLN A 92 3.00 -18.25 6.37
C GLN A 92 2.56 -16.88 6.85
N ASP A 93 3.17 -16.41 7.94
CA ASP A 93 2.78 -15.14 8.54
C ASP A 93 3.11 -13.92 7.69
N ARG A 94 3.86 -14.13 6.61
CA ARG A 94 4.26 -13.05 5.69
C ARG A 94 3.55 -13.10 4.35
N ILE A 95 2.44 -13.85 4.28
CA ILE A 95 1.64 -13.98 3.06
C ILE A 95 0.16 -13.90 3.38
N VAL A 96 -0.58 -13.12 2.60
CA VAL A 96 -2.01 -12.99 2.80
C VAL A 96 -2.69 -13.16 1.44
N ILE A 97 -3.84 -13.83 1.41
CA ILE A 97 -4.55 -14.00 0.14
C ILE A 97 -5.93 -13.34 0.18
N ARG A 98 -6.41 -12.91 -0.97
CA ARG A 98 -7.71 -12.30 -1.09
C ARG A 98 -8.36 -12.88 -2.34
N PHE A 99 -9.58 -13.39 -2.17
CA PHE A 99 -10.32 -14.00 -3.26
C PHE A 99 -11.46 -13.09 -3.67
N PHE A 100 -11.59 -12.89 -4.97
CA PHE A 100 -12.62 -12.03 -5.51
C PHE A 100 -13.38 -12.79 -6.57
N PRO A 101 -14.62 -13.19 -6.27
CA PRO A 101 -15.33 -13.91 -7.32
C PRO A 101 -15.80 -12.94 -8.41
N LEU A 102 -15.77 -13.39 -9.67
CA LEU A 102 -16.19 -12.59 -10.81
C LEU A 102 -17.29 -13.25 -11.67
N GLU A 103 -17.78 -12.49 -12.64
CA GLU A 103 -18.84 -12.96 -13.53
C GLU A 103 -18.54 -12.55 -14.95
N ALA A 104 -18.63 -13.52 -15.86
CA ALA A 104 -18.38 -13.30 -17.28
C ALA A 104 -18.78 -11.92 -17.83
N TRP A 105 -19.87 -11.34 -17.34
CA TRP A 105 -20.29 -10.05 -17.87
C TRP A 105 -19.32 -8.92 -17.54
N GLN A 106 -18.48 -9.14 -16.51
CA GLN A 106 -17.51 -8.11 -16.15
C GLN A 106 -16.09 -8.35 -16.71
N ILE A 107 -15.92 -9.40 -17.51
CA ILE A 107 -14.63 -9.69 -18.11
C ILE A 107 -14.68 -9.41 -19.62
N GLY A 108 -13.88 -8.45 -20.07
CA GLY A 108 -13.87 -8.13 -21.49
C GLY A 108 -12.72 -8.70 -22.29
N LYS A 109 -13.06 -9.39 -23.39
CA LYS A 109 -12.10 -9.98 -24.30
C LYS A 109 -12.53 -9.79 -25.75
N LYS A 110 -11.54 -9.68 -26.64
CA LYS A 110 -11.82 -9.50 -28.07
C LYS A 110 -12.91 -8.48 -28.39
N GLY A 111 -12.91 -7.32 -27.73
CA GLY A 111 -13.92 -6.32 -28.04
C GLY A 111 -15.34 -6.59 -27.58
N THR A 112 -15.51 -7.50 -26.61
CA THR A 112 -16.82 -7.84 -26.06
C THR A 112 -16.61 -8.37 -24.62
N VAL A 113 -17.56 -9.14 -24.10
CA VAL A 113 -17.36 -9.71 -22.77
C VAL A 113 -17.51 -11.24 -22.85
N MET A 114 -16.97 -11.94 -21.84
CA MET A 114 -17.04 -13.40 -21.78
C MET A 114 -18.45 -13.87 -22.12
N THR A 115 -19.43 -13.18 -21.55
CA THR A 115 -20.84 -13.51 -21.75
C THR A 115 -21.22 -13.89 -23.19
N PHE A 116 -20.62 -13.23 -24.18
CA PHE A 116 -20.94 -13.53 -25.58
C PHE A 116 -19.85 -14.33 -26.27
N LEU A 117 -19.08 -15.08 -25.50
CA LEU A 117 -18.01 -15.87 -26.08
C LEU A 117 -18.11 -17.33 -25.66
N PRO B 1 -15.96 7.76 -12.40
CA PRO B 1 -15.33 6.48 -12.78
C PRO B 1 -13.84 6.38 -12.45
N PHE B 2 -13.38 5.14 -12.37
CA PHE B 2 -11.99 4.85 -12.10
C PHE B 2 -11.46 3.95 -13.20
N VAL B 3 -10.40 4.38 -13.86
CA VAL B 3 -9.80 3.56 -14.90
C VAL B 3 -8.35 3.30 -14.57
N GLU B 4 -7.97 2.02 -14.55
CA GLU B 4 -6.61 1.63 -14.28
C GLU B 4 -6.09 0.78 -15.42
N LEU B 5 -4.93 1.18 -15.92
CA LEU B 5 -4.27 0.47 -17.00
C LEU B 5 -2.95 -0.06 -16.44
N GLU B 6 -2.82 -1.38 -16.36
CA GLU B 6 -1.61 -1.99 -15.85
C GLU B 6 -0.96 -2.74 -17.02
N THR B 7 0.33 -2.53 -17.24
CA THR B 7 0.99 -3.15 -18.38
C THR B 7 2.44 -3.55 -18.09
N ASN B 8 2.98 -4.47 -18.89
CA ASN B 8 4.36 -4.90 -18.73
C ASN B 8 5.22 -4.00 -19.63
N LEU B 9 4.56 -3.13 -20.39
CA LEU B 9 5.27 -2.17 -21.23
C LEU B 9 5.95 -1.17 -20.28
N PRO B 10 7.16 -0.70 -20.61
CA PRO B 10 7.87 0.26 -19.76
C PRO B 10 7.23 1.64 -19.94
N ALA B 11 7.37 2.48 -18.93
CA ALA B 11 6.80 3.82 -18.98
C ALA B 11 7.23 4.51 -20.27
N SER B 12 8.51 4.42 -20.59
CA SER B 12 9.02 5.04 -21.80
C SER B 12 8.29 4.62 -23.07
N ARG B 13 7.86 3.36 -23.14
CA ARG B 13 7.16 2.88 -24.32
C ARG B 13 5.67 3.24 -24.34
N ILE B 14 5.20 3.88 -23.27
CA ILE B 14 3.81 4.29 -23.17
C ILE B 14 3.65 5.71 -23.73
N PRO B 15 2.78 5.85 -24.74
CA PRO B 15 2.48 7.12 -25.43
C PRO B 15 2.18 8.27 -24.48
N ALA B 16 2.93 9.36 -24.64
CA ALA B 16 2.74 10.53 -23.80
C ALA B 16 1.30 11.00 -23.88
N GLY B 17 0.75 11.37 -22.73
CA GLY B 17 -0.62 11.85 -22.67
C GLY B 17 -1.65 10.75 -22.70
N LEU B 18 -1.21 9.49 -22.73
CA LEU B 18 -2.18 8.42 -22.77
C LEU B 18 -3.25 8.58 -21.67
N GLU B 19 -2.86 8.99 -20.46
CA GLU B 19 -3.83 9.16 -19.39
C GLU B 19 -4.93 10.17 -19.74
N ASN B 20 -4.53 11.27 -20.38
CA ASN B 20 -5.48 12.30 -20.77
C ASN B 20 -6.48 11.76 -21.77
N ARG B 21 -5.94 11.19 -22.85
CA ARG B 21 -6.76 10.61 -23.90
C ARG B 21 -7.66 9.52 -23.31
N LEU B 22 -7.10 8.69 -22.44
CA LEU B 22 -7.88 7.64 -21.82
C LEU B 22 -8.98 8.27 -20.93
N CYS B 23 -8.66 9.37 -20.26
CA CYS B 23 -9.64 10.05 -19.41
C CYS B 23 -10.83 10.44 -20.27
N ALA B 24 -10.54 11.15 -21.37
CA ALA B 24 -11.56 11.57 -22.31
C ALA B 24 -12.37 10.38 -22.85
N ALA B 25 -11.67 9.37 -23.36
CA ALA B 25 -12.31 8.18 -23.91
C ALA B 25 -13.29 7.58 -22.92
N THR B 26 -12.88 7.51 -21.66
CA THR B 26 -13.70 6.95 -20.61
C THR B 26 -14.99 7.72 -20.44
N ALA B 27 -14.86 9.03 -20.24
CA ALA B 27 -16.03 9.89 -20.07
C ALA B 27 -17.03 9.63 -21.21
N THR B 28 -16.53 9.54 -22.43
CA THR B 28 -17.38 9.29 -23.58
C THR B 28 -18.01 7.91 -23.54
N ILE B 29 -17.17 6.88 -23.47
CA ILE B 29 -17.65 5.52 -23.47
C ILE B 29 -18.67 5.23 -22.37
N LEU B 30 -18.45 5.76 -21.17
CA LEU B 30 -19.34 5.50 -20.05
C LEU B 30 -20.41 6.58 -19.85
N ASP B 31 -20.25 7.69 -20.55
CA ASP B 31 -21.17 8.82 -20.45
C ASP B 31 -21.18 9.40 -19.03
N LYS B 32 -20.01 9.66 -18.49
CA LYS B 32 -19.91 10.26 -17.17
C LYS B 32 -19.07 11.49 -17.36
N PRO B 33 -19.24 12.48 -16.49
CA PRO B 33 -18.46 13.72 -16.62
C PRO B 33 -16.95 13.48 -16.61
N GLU B 34 -16.27 14.08 -17.59
CA GLU B 34 -14.83 13.97 -17.76
C GLU B 34 -14.04 14.40 -16.52
N ASP B 35 -14.51 15.44 -15.84
CA ASP B 35 -13.79 15.95 -14.69
C ASP B 35 -13.93 15.11 -13.42
N ARG B 36 -14.62 13.98 -13.51
CA ARG B 36 -14.77 13.13 -12.35
C ARG B 36 -14.15 11.75 -12.63
N VAL B 37 -13.50 11.64 -13.79
CA VAL B 37 -12.86 10.40 -14.19
C VAL B 37 -11.43 10.39 -13.68
N SER B 38 -11.05 9.29 -13.03
CA SER B 38 -9.70 9.08 -12.50
C SER B 38 -8.98 8.05 -13.36
N VAL B 39 -7.79 8.39 -13.83
CA VAL B 39 -7.02 7.45 -14.62
C VAL B 39 -5.73 7.16 -13.90
N THR B 40 -5.35 5.89 -13.87
CA THR B 40 -4.11 5.42 -13.24
C THR B 40 -3.38 4.49 -14.19
N ILE B 41 -2.08 4.70 -14.36
CA ILE B 41 -1.31 3.80 -15.22
C ILE B 41 -0.13 3.21 -14.46
N ARG B 42 -0.08 1.88 -14.40
CA ARG B 42 1.03 1.20 -13.73
C ARG B 42 1.85 0.54 -14.82
N PRO B 43 2.93 1.19 -15.27
CA PRO B 43 3.73 0.55 -16.33
C PRO B 43 4.87 -0.29 -15.76
N GLY B 44 5.56 -1.00 -16.64
CA GLY B 44 6.68 -1.82 -16.23
C GLY B 44 6.43 -2.87 -15.18
N MET B 45 5.23 -3.42 -15.13
CA MET B 45 4.96 -4.49 -14.17
C MET B 45 5.23 -5.80 -14.92
N THR B 46 5.25 -6.92 -14.20
CA THR B 46 5.44 -8.21 -14.84
C THR B 46 4.06 -8.79 -15.14
N LEU B 47 3.80 -9.03 -16.43
CA LEU B 47 2.53 -9.57 -16.86
C LEU B 47 2.66 -10.80 -17.74
N LEU B 48 1.80 -11.77 -17.50
CA LEU B 48 1.76 -12.99 -18.30
C LEU B 48 0.30 -13.16 -18.73
N MET B 49 0.10 -13.37 -20.02
CA MET B 49 -1.23 -13.54 -20.57
C MET B 49 -1.10 -14.63 -21.62
N ASN B 50 -1.95 -15.67 -21.52
CA ASN B 50 -1.92 -16.82 -22.45
C ASN B 50 -0.54 -17.44 -22.39
N LYS B 51 -0.09 -17.69 -21.17
CA LYS B 51 1.23 -18.26 -20.93
C LYS B 51 2.32 -17.55 -21.75
N SER B 52 2.16 -16.25 -21.93
CA SER B 52 3.13 -15.46 -22.66
C SER B 52 3.39 -14.12 -21.99
N THR B 53 4.64 -13.67 -22.01
CA THR B 53 4.95 -12.38 -21.41
C THR B 53 5.25 -11.29 -22.42
N GLU B 54 4.74 -11.45 -23.65
CA GLU B 54 4.97 -10.38 -24.62
C GLU B 54 4.12 -9.22 -24.11
N PRO B 55 4.31 -8.02 -24.67
CA PRO B 55 3.50 -6.89 -24.20
C PRO B 55 2.03 -7.22 -24.13
N CYS B 56 1.40 -6.75 -23.06
CA CYS B 56 -0.03 -6.91 -22.85
C CYS B 56 -0.47 -5.93 -21.76
N ALA B 57 -1.78 -5.75 -21.62
CA ALA B 57 -2.29 -4.84 -20.61
C ALA B 57 -3.64 -5.27 -20.04
N HIS B 58 -3.91 -4.77 -18.84
CA HIS B 58 -5.17 -5.03 -18.16
C HIS B 58 -5.82 -3.68 -17.98
N LEU B 59 -7.12 -3.63 -18.16
CA LEU B 59 -7.85 -2.40 -17.99
C LEU B 59 -8.90 -2.67 -16.94
N LEU B 60 -8.90 -1.91 -15.86
CA LEU B 60 -9.90 -2.09 -14.83
C LEU B 60 -10.80 -0.86 -14.87
N VAL B 61 -12.11 -1.09 -14.99
CA VAL B 61 -13.10 -0.04 -15.05
C VAL B 61 -14.09 -0.17 -13.91
N SER B 62 -14.13 0.86 -13.06
CA SER B 62 -15.01 0.92 -11.91
C SER B 62 -15.90 2.14 -12.05
N SER B 63 -17.20 1.93 -11.90
CA SER B 63 -18.10 3.04 -12.05
C SER B 63 -19.45 2.69 -11.44
N ILE B 64 -20.24 3.73 -11.21
CA ILE B 64 -21.56 3.60 -10.62
C ILE B 64 -22.66 3.33 -11.65
N GLY B 65 -23.29 2.17 -11.48
CA GLY B 65 -24.37 1.71 -12.34
C GLY B 65 -24.27 1.92 -13.84
N VAL B 66 -23.20 1.44 -14.48
CA VAL B 66 -23.07 1.61 -15.92
C VAL B 66 -22.28 0.44 -16.48
N VAL B 67 -21.73 -0.37 -15.59
CA VAL B 67 -20.90 -1.52 -15.96
C VAL B 67 -21.37 -2.74 -15.17
N GLY B 68 -22.68 -2.84 -14.97
CA GLY B 68 -23.20 -3.95 -14.21
C GLY B 68 -23.89 -5.03 -15.01
N THR B 69 -23.96 -4.87 -16.33
CA THR B 69 -24.63 -5.85 -17.18
C THR B 69 -23.88 -6.17 -18.48
N ALA B 70 -23.82 -7.46 -18.82
CA ALA B 70 -23.15 -7.93 -20.04
C ALA B 70 -23.59 -7.08 -21.22
N GLU B 71 -24.82 -6.60 -21.12
CA GLU B 71 -25.44 -5.76 -22.12
C GLU B 71 -24.57 -4.57 -22.49
N GLN B 72 -24.42 -3.69 -21.50
CA GLN B 72 -23.65 -2.46 -21.67
C GLN B 72 -22.13 -2.66 -21.69
N ASN B 73 -21.64 -3.63 -20.91
CA ASN B 73 -20.20 -3.89 -20.87
C ASN B 73 -19.68 -4.34 -22.23
N ARG B 74 -20.54 -5.01 -23.01
CA ARG B 74 -20.14 -5.44 -24.34
C ARG B 74 -19.83 -4.21 -25.17
N THR B 75 -20.72 -3.22 -25.09
CA THR B 75 -20.56 -1.98 -25.83
C THR B 75 -19.30 -1.26 -25.36
N HIS B 76 -19.13 -1.20 -24.04
CA HIS B 76 -17.97 -0.56 -23.44
C HIS B 76 -16.69 -1.21 -23.93
N SER B 77 -16.61 -2.52 -23.73
CA SER B 77 -15.45 -3.30 -24.11
C SER B 77 -15.01 -3.00 -25.54
N ALA B 78 -15.97 -3.01 -26.44
CA ALA B 78 -15.70 -2.73 -27.84
C ALA B 78 -14.96 -1.41 -27.97
N SER B 79 -15.52 -0.38 -27.34
CA SER B 79 -14.93 0.96 -27.40
C SER B 79 -13.53 1.01 -26.79
N PHE B 80 -13.41 0.50 -25.57
CA PHE B 80 -12.14 0.49 -24.89
C PHE B 80 -11.11 -0.30 -25.69
N PHE B 81 -11.50 -1.46 -26.19
CA PHE B 81 -10.57 -2.25 -26.97
C PHE B 81 -10.08 -1.44 -28.16
N LYS B 82 -11.03 -0.85 -28.89
CA LYS B 82 -10.68 -0.07 -30.06
C LYS B 82 -9.66 0.99 -29.65
N PHE B 83 -9.89 1.60 -28.48
CA PHE B 83 -9.00 2.64 -27.97
C PHE B 83 -7.60 2.10 -27.64
N LEU B 84 -7.54 1.12 -26.76
CA LEU B 84 -6.27 0.57 -26.33
C LEU B 84 -5.45 -0.05 -27.44
N THR B 85 -6.04 -0.96 -28.21
CA THR B 85 -5.28 -1.60 -29.28
C THR B 85 -4.61 -0.55 -30.11
N GLU B 86 -5.37 0.48 -30.46
CA GLU B 86 -4.84 1.57 -31.25
C GLU B 86 -3.67 2.27 -30.51
N GLU B 87 -3.99 2.89 -29.38
CA GLU B 87 -3.00 3.60 -28.57
C GLU B 87 -1.74 2.80 -28.25
N LEU B 88 -1.92 1.64 -27.63
CA LEU B 88 -0.81 0.79 -27.21
C LEU B 88 -0.15 -0.06 -28.28
N SER B 89 -0.78 -0.18 -29.44
CA SER B 89 -0.19 -1.02 -30.48
C SER B 89 -0.13 -2.45 -29.96
N LEU B 90 -1.28 -3.00 -29.60
CA LEU B 90 -1.36 -4.36 -29.12
C LEU B 90 -2.55 -5.00 -29.83
N ASP B 91 -2.56 -6.32 -29.91
CA ASP B 91 -3.67 -6.99 -30.54
C ASP B 91 -4.69 -7.32 -29.47
N GLN B 92 -5.92 -7.58 -29.90
CA GLN B 92 -6.98 -7.93 -28.98
C GLN B 92 -6.62 -8.99 -27.96
N ASP B 93 -5.88 -10.00 -28.41
CA ASP B 93 -5.51 -11.12 -27.55
C ASP B 93 -4.55 -10.76 -26.42
N ARG B 94 -4.01 -9.54 -26.46
CA ARG B 94 -3.06 -9.05 -25.45
C ARG B 94 -3.67 -8.00 -24.52
N ILE B 95 -5.00 -7.91 -24.50
CA ILE B 95 -5.71 -6.96 -23.64
C ILE B 95 -6.91 -7.62 -22.98
N VAL B 96 -7.07 -7.40 -21.69
CA VAL B 96 -8.22 -7.97 -20.98
C VAL B 96 -8.84 -6.85 -20.15
N ILE B 97 -10.18 -6.82 -20.06
CA ILE B 97 -10.83 -5.79 -19.25
C ILE B 97 -11.62 -6.42 -18.11
N ARG B 98 -11.76 -5.66 -17.02
CA ARG B 98 -12.53 -6.10 -15.87
C ARG B 98 -13.35 -4.90 -15.41
N PHE B 99 -14.66 -5.15 -15.26
CA PHE B 99 -15.58 -4.12 -14.85
C PHE B 99 -16.04 -4.37 -13.42
N PHE B 100 -15.99 -3.31 -12.61
CA PHE B 100 -16.39 -3.40 -11.22
C PHE B 100 -17.40 -2.35 -10.93
N PRO B 101 -18.67 -2.75 -10.73
CA PRO B 101 -19.63 -1.70 -10.45
C PRO B 101 -19.47 -1.21 -9.00
N LEU B 102 -19.68 0.09 -8.78
CA LEU B 102 -19.56 0.71 -7.46
C LEU B 102 -20.82 1.46 -7.01
N GLU B 103 -20.80 1.92 -5.77
CA GLU B 103 -21.91 2.65 -5.19
C GLU B 103 -21.42 3.83 -4.38
N ALA B 104 -22.00 4.99 -4.64
CA ALA B 104 -21.64 6.23 -3.96
C ALA B 104 -21.21 6.09 -2.50
N TRP B 105 -21.82 5.18 -1.74
CA TRP B 105 -21.44 5.05 -0.33
C TRP B 105 -20.02 4.54 -0.15
N GLN B 106 -19.46 3.90 -1.17
CA GLN B 106 -18.09 3.41 -1.07
C GLN B 106 -17.02 4.34 -1.69
N ILE B 107 -17.44 5.49 -2.19
CA ILE B 107 -16.51 6.44 -2.78
C ILE B 107 -16.36 7.66 -1.87
N GLY B 108 -15.16 7.89 -1.35
CA GLY B 108 -14.94 9.01 -0.47
C GLY B 108 -14.28 10.23 -1.10
N LYS B 109 -14.93 11.38 -0.94
CA LYS B 109 -14.42 12.66 -1.46
C LYS B 109 -14.64 13.78 -0.45
N LYS B 110 -13.74 14.76 -0.43
CA LYS B 110 -13.85 15.90 0.47
C LYS B 110 -14.20 15.53 1.92
N GLY B 111 -13.57 14.50 2.48
CA GLY B 111 -13.86 14.14 3.86
C GLY B 111 -15.21 13.51 4.15
N THR B 112 -15.86 12.95 3.13
CA THR B 112 -17.17 12.29 3.28
C THR B 112 -17.30 11.27 2.13
N VAL B 113 -18.53 10.88 1.80
CA VAL B 113 -18.71 9.96 0.67
C VAL B 113 -19.67 10.59 -0.35
N MET B 114 -19.63 10.10 -1.59
CA MET B 114 -20.48 10.59 -2.67
C MET B 114 -21.91 10.76 -2.17
N THR B 115 -22.37 9.75 -1.42
CA THR B 115 -23.71 9.72 -0.87
C THR B 115 -24.21 11.06 -0.31
N PHE B 116 -23.33 11.83 0.33
CA PHE B 116 -23.73 13.11 0.91
C PHE B 116 -23.25 14.29 0.08
N LEU B 117 -23.02 14.09 -1.21
CA LEU B 117 -22.56 15.16 -2.07
C LEU B 117 -23.46 15.34 -3.28
N PRO C 1 -7.72 -5.38 8.11
CA PRO C 1 -7.91 -4.41 7.04
C PRO C 1 -6.76 -4.34 6.04
N PHE C 2 -7.07 -3.82 4.86
CA PHE C 2 -6.10 -3.63 3.80
C PHE C 2 -6.15 -2.18 3.36
N VAL C 3 -5.01 -1.51 3.42
CA VAL C 3 -4.97 -0.13 2.98
C VAL C 3 -3.91 0.01 1.89
N GLU C 4 -4.33 0.57 0.76
CA GLU C 4 -3.43 0.79 -0.36
C GLU C 4 -3.45 2.25 -0.73
N LEU C 5 -2.26 2.82 -0.84
CA LEU C 5 -2.08 4.21 -1.20
C LEU C 5 -1.31 4.22 -2.52
N GLU C 6 -1.95 4.68 -3.59
CA GLU C 6 -1.31 4.74 -4.89
C GLU C 6 -1.17 6.22 -5.25
N THR C 7 0.02 6.63 -5.66
CA THR C 7 0.25 8.04 -5.96
C THR C 7 1.20 8.26 -7.13
N ASN C 8 1.15 9.46 -7.73
CA ASN C 8 2.04 9.80 -8.82
C ASN C 8 3.28 10.48 -8.22
N LEU C 9 3.26 10.65 -6.90
CA LEU C 9 4.41 11.20 -6.19
C LEU C 9 5.50 10.13 -6.22
N PRO C 10 6.77 10.54 -6.36
CA PRO C 10 7.89 9.56 -6.41
C PRO C 10 8.14 9.05 -4.99
N ALA C 11 8.69 7.85 -4.90
CA ALA C 11 9.00 7.25 -3.61
C ALA C 11 9.77 8.25 -2.74
N SER C 12 10.79 8.87 -3.33
CA SER C 12 11.60 9.83 -2.61
C SER C 12 10.79 10.95 -1.97
N ARG C 13 9.74 11.40 -2.64
CA ARG C 13 8.90 12.47 -2.10
C ARG C 13 7.89 12.01 -1.05
N ILE C 14 7.84 10.71 -0.83
CA ILE C 14 6.91 10.14 0.15
C ILE C 14 7.60 10.06 1.52
N PRO C 15 6.99 10.71 2.53
CA PRO C 15 7.48 10.77 3.92
C PRO C 15 7.87 9.41 4.49
N ALA C 16 9.10 9.32 4.96
CA ALA C 16 9.58 8.07 5.55
C ALA C 16 8.67 7.63 6.68
N GLY C 17 8.38 6.32 6.71
CA GLY C 17 7.54 5.78 7.74
C GLY C 17 6.06 5.98 7.48
N LEU C 18 5.71 6.60 6.36
CA LEU C 18 4.30 6.81 6.08
C LEU C 18 3.49 5.53 6.28
N GLU C 19 4.01 4.38 5.82
CA GLU C 19 3.26 3.12 5.98
C GLU C 19 2.94 2.81 7.44
N ASN C 20 3.92 3.04 8.32
CA ASN C 20 3.72 2.78 9.74
C ASN C 20 2.62 3.65 10.31
N ARG C 21 2.77 4.96 10.11
CA ARG C 21 1.81 5.93 10.57
C ARG C 21 0.43 5.61 9.98
N LEU C 22 0.40 5.28 8.68
CA LEU C 22 -0.87 4.95 8.05
C LEU C 22 -1.44 3.66 8.68
N CYS C 23 -0.57 2.70 9.01
CA CYS C 23 -1.02 1.46 9.64
C CYS C 23 -1.75 1.81 10.93
N ALA C 24 -1.08 2.59 11.78
CA ALA C 24 -1.66 3.03 13.05
C ALA C 24 -2.99 3.78 12.84
N ALA C 25 -2.95 4.79 11.95
CA ALA C 25 -4.14 5.59 11.66
C ALA C 25 -5.33 4.71 11.29
N THR C 26 -5.05 3.70 10.47
CA THR C 26 -6.09 2.78 10.01
C THR C 26 -6.72 2.05 11.17
N ALA C 27 -5.87 1.40 11.97
CA ALA C 27 -6.35 0.64 13.13
C ALA C 27 -7.29 1.53 13.96
N THR C 28 -6.89 2.77 14.18
CA THR C 28 -7.70 3.70 14.95
C THR C 28 -9.00 4.05 14.25
N ILE C 29 -8.89 4.57 13.04
CA ILE C 29 -10.07 4.98 12.30
C ILE C 29 -11.10 3.86 12.11
N LEU C 30 -10.65 2.64 11.86
CA LEU C 30 -11.56 1.53 11.64
C LEU C 30 -11.84 0.70 12.87
N ASP C 31 -11.05 0.93 13.92
CA ASP C 31 -11.18 0.21 15.17
C ASP C 31 -10.91 -1.29 14.97
N LYS C 32 -9.80 -1.60 14.32
CA LYS C 32 -9.43 -2.99 14.11
C LYS C 32 -8.02 -3.10 14.67
N PRO C 33 -7.63 -4.29 15.09
CA PRO C 33 -6.28 -4.47 15.64
C PRO C 33 -5.17 -4.05 14.69
N GLU C 34 -4.26 -3.23 15.20
CA GLU C 34 -3.12 -2.71 14.46
C GLU C 34 -2.26 -3.80 13.81
N ASP C 35 -2.07 -4.91 14.51
CA ASP C 35 -1.24 -5.97 13.99
C ASP C 35 -1.87 -6.81 12.89
N ARG C 36 -3.07 -6.45 12.46
CA ARG C 36 -3.71 -7.21 11.40
C ARG C 36 -3.96 -6.29 10.20
N VAL C 37 -3.46 -5.07 10.30
CA VAL C 37 -3.63 -4.09 9.25
C VAL C 37 -2.47 -4.20 8.27
N SER C 38 -2.80 -4.28 6.98
CA SER C 38 -1.81 -4.36 5.90
C SER C 38 -1.78 -3.03 5.15
N VAL C 39 -0.58 -2.47 4.98
CA VAL C 39 -0.47 -1.23 4.25
C VAL C 39 0.41 -1.46 3.06
N THR C 40 0.00 -0.91 1.92
CA THR C 40 0.74 -1.02 0.65
C THR C 40 0.84 0.36 0.01
N ILE C 41 2.03 0.74 -0.44
CA ILE C 41 2.18 2.03 -1.10
C ILE C 41 2.80 1.85 -2.47
N ARG C 42 2.10 2.31 -3.50
CA ARG C 42 2.60 2.22 -4.87
C ARG C 42 2.93 3.64 -5.29
N PRO C 43 4.21 4.06 -5.18
CA PRO C 43 4.54 5.43 -5.58
C PRO C 43 4.98 5.50 -7.04
N GLY C 44 5.18 6.73 -7.52
CA GLY C 44 5.62 6.93 -8.88
C GLY C 44 4.79 6.33 -9.99
N MET C 45 3.48 6.22 -9.80
CA MET C 45 2.64 5.71 -10.86
C MET C 45 2.13 6.94 -11.63
N THR C 46 1.50 6.73 -12.77
CA THR C 46 0.95 7.84 -13.54
C THR C 46 -0.51 8.02 -13.11
N LEU C 47 -0.82 9.19 -12.58
CA LEU C 47 -2.17 9.49 -12.12
C LEU C 47 -2.73 10.77 -12.70
N LEU C 48 -4.00 10.74 -13.07
CA LEU C 48 -4.70 11.91 -13.58
C LEU C 48 -5.98 12.02 -12.76
N MET C 49 -6.23 13.22 -12.24
CA MET C 49 -7.40 13.47 -11.42
C MET C 49 -7.88 14.86 -11.82
N ASN C 50 -9.17 14.97 -12.18
CA ASN C 50 -9.77 16.23 -12.63
C ASN C 50 -8.98 16.74 -13.82
N LYS C 51 -8.79 15.84 -14.78
CA LYS C 51 -8.03 16.15 -15.98
C LYS C 51 -6.72 16.87 -15.66
N SER C 52 -6.11 16.49 -14.55
CA SER C 52 -4.83 17.08 -14.15
C SER C 52 -3.87 16.02 -13.60
N THR C 53 -2.59 16.16 -13.92
CA THR C 53 -1.63 15.20 -13.40
C THR C 53 -0.74 15.76 -12.31
N GLU C 54 -1.20 16.79 -11.60
CA GLU C 54 -0.39 17.31 -10.52
C GLU C 54 -0.45 16.21 -9.45
N PRO C 55 0.40 16.30 -8.43
CA PRO C 55 0.36 15.27 -7.40
C PRO C 55 -1.04 14.98 -6.91
N CYS C 56 -1.32 13.70 -6.71
CA CYS C 56 -2.60 13.24 -6.19
C CYS C 56 -2.43 11.80 -5.72
N ALA C 57 -3.42 11.29 -4.99
CA ALA C 57 -3.35 9.93 -4.50
C ALA C 57 -4.71 9.27 -4.37
N HIS C 58 -4.70 7.94 -4.40
CA HIS C 58 -5.90 7.15 -4.24
C HIS C 58 -5.68 6.32 -3.00
N LEU C 59 -6.72 6.16 -2.21
CA LEU C 59 -6.62 5.37 -1.01
C LEU C 59 -7.68 4.28 -1.13
N LEU C 60 -7.27 3.04 -1.06
CA LEU C 60 -8.23 1.94 -1.12
C LEU C 60 -8.28 1.30 0.26
N VAL C 61 -9.48 1.19 0.81
CA VAL C 61 -9.71 0.62 2.13
C VAL C 61 -10.63 -0.58 2.04
N SER C 62 -10.09 -1.74 2.43
CA SER C 62 -10.82 -3.00 2.41
C SER C 62 -10.86 -3.55 3.82
N SER C 63 -12.05 -3.89 4.28
CA SER C 63 -12.17 -4.40 5.63
C SER C 63 -13.49 -5.12 5.79
N ILE C 64 -13.57 -5.91 6.86
CA ILE C 64 -14.75 -6.69 7.18
C ILE C 64 -15.77 -5.92 8.02
N GLY C 65 -16.95 -5.78 7.43
CA GLY C 65 -18.08 -5.08 8.02
C GLY C 65 -17.84 -3.79 8.79
N VAL C 66 -17.20 -2.80 8.18
CA VAL C 66 -16.96 -1.53 8.87
C VAL C 66 -16.95 -0.40 7.86
N VAL C 67 -16.97 -0.77 6.59
CA VAL C 67 -16.94 0.19 5.49
C VAL C 67 -18.04 -0.15 4.49
N GLY C 68 -19.18 -0.59 5.01
CA GLY C 68 -20.27 -0.97 4.12
C GLY C 68 -21.42 0.00 4.05
N THR C 69 -21.34 1.10 4.78
CA THR C 69 -22.42 2.08 4.79
C THR C 69 -21.95 3.54 4.75
N ALA C 70 -22.61 4.36 3.93
CA ALA C 70 -22.29 5.79 3.79
C ALA C 70 -22.15 6.41 5.16
N GLU C 71 -22.90 5.84 6.10
CA GLU C 71 -22.90 6.29 7.48
C GLU C 71 -21.51 6.35 8.06
N GLN C 72 -20.90 5.18 8.19
CA GLN C 72 -19.57 5.03 8.77
C GLN C 72 -18.43 5.47 7.84
N ASN C 73 -18.60 5.26 6.53
CA ASN C 73 -17.56 5.67 5.57
C ASN C 73 -17.35 7.17 5.59
N ARG C 74 -18.40 7.92 5.89
CA ARG C 74 -18.29 9.37 5.96
C ARG C 74 -17.31 9.72 7.07
N THR C 75 -17.49 9.06 8.21
CA THR C 75 -16.64 9.28 9.37
C THR C 75 -15.20 8.88 9.03
N HIS C 76 -15.07 7.72 8.40
CA HIS C 76 -13.77 7.21 8.01
C HIS C 76 -13.06 8.19 7.08
N SER C 77 -13.75 8.52 5.99
CA SER C 77 -13.22 9.44 4.99
C SER C 77 -12.64 10.69 5.63
N ALA C 78 -13.42 11.28 6.52
CA ALA C 78 -12.99 12.50 7.19
C ALA C 78 -11.64 12.27 7.83
N SER C 79 -11.53 11.18 8.60
CA SER C 79 -10.29 10.86 9.30
C SER C 79 -9.12 10.62 8.35
N PHE C 80 -9.35 9.75 7.37
CA PHE C 80 -8.32 9.45 6.40
C PHE C 80 -7.89 10.71 5.65
N PHE C 81 -8.86 11.50 5.22
CA PHE C 81 -8.53 12.70 4.51
C PHE C 81 -7.64 13.58 5.38
N LYS C 82 -8.06 13.80 6.62
CA LYS C 82 -7.29 14.62 7.54
C LYS C 82 -5.86 14.08 7.61
N PHE C 83 -5.74 12.75 7.64
CA PHE C 83 -4.44 12.11 7.71
C PHE C 83 -3.58 12.33 6.46
N LEU C 84 -4.12 11.93 5.32
CA LEU C 84 -3.41 12.05 4.06
C LEU C 84 -3.04 13.48 3.68
N THR C 85 -4.03 14.37 3.66
CA THR C 85 -3.74 15.75 3.28
C THR C 85 -2.55 16.25 4.07
N GLU C 86 -2.59 16.00 5.37
CA GLU C 86 -1.51 16.40 6.24
C GLU C 86 -0.18 15.75 5.82
N GLU C 87 -0.12 14.43 5.93
CA GLU C 87 1.07 13.66 5.58
C GLU C 87 1.65 13.96 4.20
N LEU C 88 0.82 13.81 3.17
CA LEU C 88 1.24 14.02 1.79
C LEU C 88 1.33 15.46 1.30
N SER C 89 0.79 16.40 2.05
CA SER C 89 0.83 17.79 1.61
C SER C 89 0.06 17.87 0.30
N LEU C 90 -1.22 17.51 0.34
CA LEU C 90 -2.07 17.56 -0.84
C LEU C 90 -3.38 18.18 -0.37
N ASP C 91 -4.14 18.75 -1.30
CA ASP C 91 -5.42 19.31 -0.93
C ASP C 91 -6.48 18.25 -1.13
N GLN C 92 -7.62 18.45 -0.49
CA GLN C 92 -8.71 17.51 -0.59
C GLN C 92 -9.05 17.10 -2.02
N ASP C 93 -9.00 18.04 -2.94
CA ASP C 93 -9.36 17.79 -4.33
C ASP C 93 -8.39 16.87 -5.08
N ARG C 94 -7.25 16.56 -4.44
CA ARG C 94 -6.24 15.69 -5.02
C ARG C 94 -6.15 14.32 -4.36
N ILE C 95 -7.21 13.95 -3.61
CA ILE C 95 -7.27 12.66 -2.93
C ILE C 95 -8.66 12.05 -3.09
N VAL C 96 -8.72 10.77 -3.41
CA VAL C 96 -9.99 10.08 -3.55
C VAL C 96 -9.89 8.77 -2.78
N ILE C 97 -10.98 8.37 -2.11
CA ILE C 97 -10.96 7.10 -1.38
C ILE C 97 -12.00 6.13 -1.93
N ARG C 98 -11.73 4.84 -1.79
CA ARG C 98 -12.63 3.80 -2.23
C ARG C 98 -12.65 2.74 -1.14
N PHE C 99 -13.87 2.39 -0.71
CA PHE C 99 -14.07 1.42 0.34
C PHE C 99 -14.61 0.13 -0.24
N PHE C 100 -14.01 -0.98 0.14
CA PHE C 100 -14.42 -2.28 -0.34
C PHE C 100 -14.67 -3.18 0.83
N PRO C 101 -15.95 -3.49 1.10
CA PRO C 101 -16.16 -4.38 2.24
C PRO C 101 -15.80 -5.81 1.87
N LEU C 102 -15.23 -6.56 2.82
CA LEU C 102 -14.83 -7.95 2.62
C LEU C 102 -15.45 -8.93 3.63
N GLU C 103 -15.20 -10.22 3.40
CA GLU C 103 -15.73 -11.26 4.25
C GLU C 103 -14.68 -12.33 4.50
N ALA C 104 -14.50 -12.67 5.77
CA ALA C 104 -13.52 -13.67 6.18
C ALA C 104 -13.27 -14.83 5.20
N TRP C 105 -14.32 -15.29 4.51
CA TRP C 105 -14.12 -16.42 3.61
C TRP C 105 -13.24 -16.06 2.41
N GLN C 106 -13.12 -14.77 2.11
CA GLN C 106 -12.27 -14.37 1.00
C GLN C 106 -10.85 -13.91 1.40
N ILE C 107 -10.53 -14.00 2.68
CA ILE C 107 -9.20 -13.63 3.15
C ILE C 107 -8.41 -14.87 3.56
N GLY C 108 -7.31 -15.15 2.87
CA GLY C 108 -6.52 -16.31 3.19
C GLY C 108 -5.27 -16.06 4.02
N LYS C 109 -5.14 -16.79 5.12
CA LYS C 109 -4.00 -16.71 6.02
C LYS C 109 -3.58 -18.09 6.50
N LYS C 110 -2.28 -18.26 6.75
CA LYS C 110 -1.74 -19.53 7.23
C LYS C 110 -2.28 -20.76 6.50
N GLY C 111 -2.37 -20.73 5.18
CA GLY C 111 -2.86 -21.89 4.45
C GLY C 111 -4.34 -22.23 4.56
N THR C 112 -5.15 -21.25 4.94
CA THR C 112 -6.61 -21.43 5.07
C THR C 112 -7.27 -20.05 4.91
N VAL C 113 -8.48 -19.87 5.40
CA VAL C 113 -9.12 -18.57 5.33
C VAL C 113 -9.52 -18.12 6.74
N MET C 114 -9.74 -16.80 6.91
CA MET C 114 -10.13 -16.24 8.20
C MET C 114 -11.23 -17.07 8.82
N THR C 115 -12.20 -17.46 7.99
CA THR C 115 -13.33 -18.25 8.42
C THR C 115 -13.01 -19.38 9.41
N PHE C 116 -11.87 -20.04 9.24
CA PHE C 116 -11.48 -21.14 10.13
C PHE C 116 -10.39 -20.74 11.10
N LEU C 117 -10.29 -19.46 11.40
CA LEU C 117 -9.27 -18.99 12.34
C LEU C 117 -9.88 -18.18 13.47
N PRO D 1 25.78 16.90 19.84
CA PRO D 1 25.00 15.98 20.68
C PRO D 1 25.01 14.52 20.20
N PHE D 2 24.70 13.63 21.13
CA PHE D 2 24.63 12.22 20.86
C PHE D 2 23.26 11.71 21.30
N VAL D 3 22.53 11.09 20.38
CA VAL D 3 21.24 10.56 20.74
C VAL D 3 21.21 9.07 20.41
N GLU D 4 20.86 8.27 21.40
CA GLU D 4 20.76 6.83 21.23
C GLU D 4 19.38 6.36 21.62
N LEU D 5 18.78 5.61 20.73
CA LEU D 5 17.46 5.05 20.93
C LEU D 5 17.61 3.53 20.94
N GLU D 6 17.34 2.91 22.09
CA GLU D 6 17.45 1.47 22.20
C GLU D 6 16.05 0.94 22.45
N THR D 7 15.64 -0.08 21.70
CA THR D 7 14.28 -0.59 21.82
C THR D 7 14.19 -2.10 21.63
N ASN D 8 13.10 -2.70 22.12
CA ASN D 8 12.89 -4.13 21.95
C ASN D 8 12.07 -4.33 20.67
N LEU D 9 11.68 -3.22 20.05
CA LEU D 9 10.99 -3.27 18.77
C LEU D 9 11.99 -3.76 17.73
N PRO D 10 11.55 -4.58 16.76
CA PRO D 10 12.45 -5.08 15.72
C PRO D 10 12.72 -3.97 14.72
N ALA D 11 13.86 -4.05 14.05
CA ALA D 11 14.24 -3.04 13.07
C ALA D 11 13.08 -2.82 12.09
N SER D 12 12.51 -3.90 11.60
CA SER D 12 11.41 -3.81 10.66
C SER D 12 10.24 -2.97 11.17
N ARG D 13 9.96 -3.04 12.46
CA ARG D 13 8.86 -2.26 13.03
C ARG D 13 9.21 -0.80 13.31
N ILE D 14 10.46 -0.45 13.08
CA ILE D 14 10.92 0.92 13.30
C ILE D 14 10.75 1.74 12.02
N PRO D 15 9.99 2.84 12.09
CA PRO D 15 9.69 3.76 10.99
C PRO D 15 10.92 4.19 10.20
N ALA D 16 10.88 3.97 8.90
CA ALA D 16 12.00 4.34 8.04
C ALA D 16 12.30 5.82 8.20
N GLY D 17 13.59 6.13 8.26
CA GLY D 17 14.02 7.50 8.40
C GLY D 17 13.94 8.03 9.81
N LEU D 18 13.53 7.19 10.75
CA LEU D 18 13.43 7.66 12.12
C LEU D 18 14.71 8.39 12.55
N GLU D 19 15.88 7.86 12.20
CA GLU D 19 17.14 8.50 12.60
C GLU D 19 17.24 9.94 12.09
N ASN D 20 16.83 10.16 10.85
CA ASN D 20 16.87 11.49 10.26
C ASN D 20 15.97 12.46 11.02
N ARG D 21 14.71 12.07 11.16
CA ARG D 21 13.73 12.85 11.87
C ARG D 21 14.21 13.09 13.31
N LEU D 22 14.74 12.06 13.95
CA LEU D 22 15.23 12.21 15.30
C LEU D 22 16.44 13.17 15.32
N CYS D 23 17.28 13.11 14.29
CA CYS D 23 18.43 14.01 14.19
C CYS D 23 17.93 15.45 14.21
N ALA D 24 16.99 15.73 13.31
CA ALA D 24 16.40 17.06 13.22
C ALA D 24 15.75 17.48 14.55
N ALA D 25 14.89 16.62 15.10
CA ALA D 25 14.21 16.90 16.36
C ALA D 25 15.20 17.29 17.44
N THR D 26 16.31 16.55 17.51
CA THR D 26 17.34 16.80 18.51
C THR D 26 17.92 18.18 18.36
N ALA D 27 18.40 18.50 17.16
CA ALA D 27 18.99 19.81 16.89
C ALA D 27 18.03 20.92 17.38
N THR D 28 16.74 20.76 17.09
CA THR D 28 15.77 21.73 17.49
C THR D 28 15.59 21.78 19.01
N ILE D 29 15.25 20.64 19.60
CA ILE D 29 15.03 20.57 21.03
C ILE D 29 16.20 21.06 21.86
N LEU D 30 17.43 20.74 21.45
CA LEU D 30 18.62 21.15 22.21
C LEU D 30 19.26 22.43 21.72
N ASP D 31 18.82 22.88 20.54
CA ASP D 31 19.36 24.09 19.93
C ASP D 31 20.85 23.95 19.61
N LYS D 32 21.19 22.85 18.95
CA LYS D 32 22.58 22.62 18.57
C LYS D 32 22.52 22.38 17.07
N PRO D 33 23.63 22.65 16.38
CA PRO D 33 23.64 22.45 14.93
C PRO D 33 23.30 21.02 14.51
N GLU D 34 22.38 20.89 13.57
CA GLU D 34 21.92 19.62 13.05
C GLU D 34 23.05 18.74 12.50
N ASP D 35 24.03 19.35 11.85
CA ASP D 35 25.11 18.60 11.26
C ASP D 35 26.15 18.08 12.26
N ARG D 36 25.92 18.29 13.54
CA ARG D 36 26.86 17.80 14.53
C ARG D 36 26.16 16.82 15.47
N VAL D 37 24.90 16.52 15.14
CA VAL D 37 24.11 15.60 15.93
C VAL D 37 24.31 14.19 15.42
N SER D 38 24.61 13.27 16.35
CA SER D 38 24.79 11.84 16.04
C SER D 38 23.61 11.06 16.56
N VAL D 39 23.01 10.24 15.70
CA VAL D 39 21.89 9.43 16.12
C VAL D 39 22.25 7.98 15.94
N THR D 40 21.91 7.17 16.94
CA THR D 40 22.17 5.72 16.93
C THR D 40 20.90 4.98 17.35
N ILE D 41 20.54 3.94 16.59
CA ILE D 41 19.37 3.17 16.97
C ILE D 41 19.73 1.69 17.11
N ARG D 42 19.46 1.13 18.29
CA ARG D 42 19.73 -0.27 18.54
C ARG D 42 18.37 -0.95 18.64
N PRO D 43 17.89 -1.56 17.55
CA PRO D 43 16.59 -2.22 17.64
C PRO D 43 16.71 -3.69 18.01
N GLY D 44 15.56 -4.34 18.24
CA GLY D 44 15.55 -5.74 18.57
C GLY D 44 16.36 -6.19 19.77
N MET D 45 16.50 -5.33 20.77
CA MET D 45 17.21 -5.74 21.97
C MET D 45 16.14 -6.27 22.93
N THR D 46 16.56 -6.88 24.04
CA THR D 46 15.62 -7.37 25.04
C THR D 46 15.45 -6.26 26.08
N LEU D 47 14.22 -5.77 26.22
CA LEU D 47 13.93 -4.72 27.18
C LEU D 47 12.78 -5.06 28.11
N LEU D 48 12.94 -4.71 29.38
CA LEU D 48 11.90 -4.91 30.37
C LEU D 48 11.74 -3.56 31.07
N MET D 49 10.49 -3.12 31.17
CA MET D 49 10.17 -1.84 31.78
C MET D 49 8.88 -2.07 32.57
N ASN D 50 8.91 -1.72 33.86
CA ASN D 50 7.75 -1.92 34.75
C ASN D 50 7.40 -3.40 34.75
N LYS D 51 8.41 -4.22 34.97
CA LYS D 51 8.25 -5.66 34.97
C LYS D 51 7.44 -6.15 33.76
N SER D 52 7.61 -5.48 32.64
CA SER D 52 6.89 -5.86 31.42
C SER D 52 7.80 -5.78 30.21
N THR D 53 7.65 -6.72 29.28
CA THR D 53 8.47 -6.69 28.08
C THR D 53 7.69 -6.28 26.83
N GLU D 54 6.59 -5.55 27.00
CA GLU D 54 5.87 -5.10 25.82
C GLU D 54 6.79 -4.05 25.20
N PRO D 55 6.50 -3.64 23.97
CA PRO D 55 7.37 -2.64 23.35
C PRO D 55 7.64 -1.45 24.26
N CYS D 56 8.90 -1.02 24.24
CA CYS D 56 9.33 0.14 25.02
C CYS D 56 10.68 0.61 24.46
N ALA D 57 11.11 1.80 24.86
CA ALA D 57 12.38 2.31 24.39
C ALA D 57 13.08 3.21 25.41
N HIS D 58 14.39 3.31 25.24
CA HIS D 58 15.22 4.14 26.09
C HIS D 58 15.85 5.18 25.17
N LEU D 59 15.92 6.40 25.65
CA LEU D 59 16.53 7.45 24.86
C LEU D 59 17.65 8.01 25.69
N LEU D 60 18.86 7.99 25.14
CA LEU D 60 19.99 8.54 25.86
C LEU D 60 20.42 9.81 25.12
N VAL D 61 20.51 10.92 25.86
CA VAL D 61 20.88 12.21 25.31
C VAL D 61 22.12 12.74 25.99
N SER D 62 23.18 12.91 25.20
CA SER D 62 24.46 13.42 25.67
C SER D 62 24.78 14.69 24.92
N SER D 63 25.12 15.72 25.67
CA SER D 63 25.42 16.99 25.03
C SER D 63 26.17 17.88 25.98
N ILE D 64 26.79 18.91 25.41
CA ILE D 64 27.57 19.88 26.15
C ILE D 64 26.74 21.05 26.70
N GLY D 65 26.75 21.13 28.03
CA GLY D 65 26.03 22.16 28.77
C GLY D 65 24.63 22.54 28.33
N VAL D 66 23.70 21.58 28.24
CA VAL D 66 22.34 21.92 27.83
C VAL D 66 21.38 20.94 28.47
N VAL D 67 21.94 19.91 29.10
CA VAL D 67 21.16 18.85 29.74
C VAL D 67 21.72 18.61 31.14
N GLY D 68 22.12 19.69 31.80
CA GLY D 68 22.70 19.54 33.13
C GLY D 68 21.81 19.97 34.27
N THR D 69 20.60 20.44 33.96
CA THR D 69 19.69 20.91 35.00
C THR D 69 18.24 20.48 34.80
N ALA D 70 17.59 20.03 35.90
CA ALA D 70 16.19 19.59 35.86
C ALA D 70 15.35 20.62 35.12
N GLU D 71 15.80 21.86 35.22
CA GLU D 71 15.15 22.98 34.58
C GLU D 71 14.91 22.76 33.09
N GLN D 72 16.03 22.67 32.37
CA GLN D 72 16.02 22.49 30.93
C GLN D 72 15.67 21.07 30.48
N ASN D 73 16.08 20.06 31.25
CA ASN D 73 15.78 18.68 30.91
C ASN D 73 14.29 18.42 30.90
N ARG D 74 13.55 19.15 31.75
CA ARG D 74 12.11 18.98 31.79
C ARG D 74 11.54 19.39 30.44
N THR D 75 12.03 20.52 29.93
CA THR D 75 11.58 21.03 28.65
C THR D 75 11.96 20.06 27.54
N HIS D 76 13.19 19.58 27.60
CA HIS D 76 13.68 18.62 26.63
C HIS D 76 12.83 17.36 26.61
N SER D 77 12.70 16.76 27.79
CA SER D 77 11.93 15.54 27.96
C SER D 77 10.55 15.64 27.30
N ALA D 78 9.87 16.74 27.59
CA ALA D 78 8.56 16.97 27.02
C ALA D 78 8.61 16.83 25.51
N SER D 79 9.56 17.54 24.91
CA SER D 79 9.70 17.53 23.46
C SER D 79 10.02 16.14 22.92
N PHE D 80 11.04 15.52 23.49
CA PHE D 80 11.44 14.19 23.07
C PHE D 80 10.29 13.20 23.24
N PHE D 81 9.62 13.26 24.38
CA PHE D 81 8.52 12.35 24.60
C PHE D 81 7.48 12.54 23.50
N LYS D 82 7.10 13.79 23.27
CA LYS D 82 6.11 14.08 22.26
C LYS D 82 6.55 13.46 20.93
N PHE D 83 7.85 13.57 20.65
CA PHE D 83 8.40 13.01 19.41
C PHE D 83 8.33 11.49 19.35
N LEU D 84 8.93 10.84 20.34
CA LEU D 84 8.97 9.39 20.37
C LEU D 84 7.60 8.72 20.44
N THR D 85 6.77 9.12 21.40
CA THR D 85 5.46 8.51 21.52
C THR D 85 4.78 8.51 20.17
N GLU D 86 4.84 9.66 19.51
CA GLU D 86 4.25 9.80 18.20
C GLU D 86 4.88 8.82 17.19
N GLU D 87 6.17 9.02 16.92
CA GLU D 87 6.92 8.19 15.99
C GLU D 87 6.80 6.69 16.23
N LEU D 88 7.15 6.26 17.44
CA LEU D 88 7.13 4.84 17.79
C LEU D 88 5.79 4.23 18.14
N SER D 89 4.77 5.05 18.35
CA SER D 89 3.47 4.50 18.72
C SER D 89 3.63 3.78 20.04
N LEU D 90 4.04 4.51 21.06
CA LEU D 90 4.21 3.96 22.39
C LEU D 90 3.61 4.97 23.37
N ASP D 91 3.22 4.51 24.53
CA ASP D 91 2.69 5.43 25.52
C ASP D 91 3.81 5.93 26.39
N GLN D 92 3.58 7.04 27.07
CA GLN D 92 4.57 7.61 27.94
C GLN D 92 5.23 6.62 28.89
N ASP D 93 4.43 5.71 29.43
CA ASP D 93 4.92 4.75 30.41
C ASP D 93 5.90 3.71 29.85
N ARG D 94 6.04 3.69 28.52
CA ARG D 94 6.93 2.76 27.84
C ARG D 94 8.18 3.43 27.26
N ILE D 95 8.48 4.64 27.73
CA ILE D 95 9.65 5.39 27.29
C ILE D 95 10.34 6.05 28.46
N VAL D 96 11.67 5.92 28.52
CA VAL D 96 12.43 6.54 29.60
C VAL D 96 13.61 7.29 28.96
N ILE D 97 13.96 8.45 29.50
CA ILE D 97 15.09 9.20 28.96
C ILE D 97 16.19 9.37 30.01
N ARG D 98 17.42 9.48 29.54
CA ARG D 98 18.57 9.69 30.41
C ARG D 98 19.43 10.75 29.75
N PHE D 99 19.78 11.77 30.52
CA PHE D 99 20.59 12.87 30.04
C PHE D 99 21.98 12.80 30.64
N PHE D 100 22.98 12.92 29.79
CA PHE D 100 24.37 12.86 30.23
C PHE D 100 25.09 14.08 29.73
N PRO D 101 25.41 15.01 30.65
CA PRO D 101 26.14 16.17 30.14
C PRO D 101 27.59 15.82 29.83
N LEU D 102 28.14 16.42 28.79
CA LEU D 102 29.53 16.18 28.37
C LEU D 102 30.37 17.47 28.27
N GLU D 103 31.66 17.28 28.02
CA GLU D 103 32.60 18.39 27.91
C GLU D 103 33.55 18.16 26.75
N ALA D 104 33.69 19.18 25.91
CA ALA D 104 34.55 19.12 24.74
C ALA D 104 35.83 18.29 24.88
N TRP D 105 36.45 18.31 26.07
CA TRP D 105 37.68 17.54 26.22
C TRP D 105 37.48 16.03 26.11
N GLN D 106 36.24 15.58 26.32
CA GLN D 106 35.97 14.15 26.21
C GLN D 106 35.39 13.71 24.85
N ILE D 107 35.26 14.64 23.91
CA ILE D 107 34.76 14.31 22.59
C ILE D 107 35.87 14.39 21.55
N GLY D 108 36.19 13.26 20.94
CA GLY D 108 37.25 13.25 19.95
C GLY D 108 36.81 13.28 18.50
N LYS D 109 37.36 14.23 17.74
CA LYS D 109 37.08 14.38 16.31
C LYS D 109 38.35 14.73 15.54
N LYS D 110 38.40 14.29 14.29
CA LYS D 110 39.56 14.55 13.43
C LYS D 110 40.92 14.33 14.11
N GLY D 111 41.09 13.25 14.86
CA GLY D 111 42.37 13.00 15.49
C GLY D 111 42.76 13.90 16.66
N THR D 112 41.79 14.54 17.29
CA THR D 112 42.02 15.42 18.44
C THR D 112 40.72 15.48 19.25
N VAL D 113 40.54 16.51 20.07
CA VAL D 113 39.28 16.64 20.81
C VAL D 113 38.64 17.99 20.50
N MET D 114 37.34 18.12 20.76
CA MET D 114 36.59 19.36 20.51
C MET D 114 37.38 20.55 21.02
N THR D 115 37.94 20.38 22.22
CA THR D 115 38.72 21.42 22.89
C THR D 115 39.66 22.21 21.96
N PHE D 116 40.28 21.53 20.99
CA PHE D 116 41.20 22.20 20.08
C PHE D 116 40.61 22.43 18.70
N LEU D 117 39.29 22.51 18.63
CA LEU D 117 38.63 22.71 17.35
C LEU D 117 37.68 23.91 17.39
C2 RW1 E . -10.72 -14.80 -17.22
N3 RW1 E . -10.05 -15.27 -16.18
C4 RW1 E . -9.82 -16.55 -16.03
C5 RW1 E . -10.28 -17.45 -16.98
N1 RW1 E . -11.17 -15.61 -18.16
C6 RW1 E . -10.97 -16.94 -18.09
C7 RW1 E . -11.37 -17.78 -19.12
C8 RW1 E . -11.73 -17.24 -20.35
C12 RW1 E . -11.40 -19.15 -18.93
C11 RW1 E . -11.77 -19.99 -19.98
C10 RW1 E . -12.13 -19.46 -21.21
C9 RW1 E . -12.10 -18.07 -21.39
CL CL F . -12.53 -17.81 -14.21
CL CL G . 12.08 -4.09 -8.14
NA NA H . 7.29 4.25 -0.60
CL CL I . 8.53 -2.45 2.42
C2 RW1 J . -16.06 8.55 -8.91
N3 RW1 J . -15.79 7.95 -10.06
C4 RW1 J . -16.30 8.37 -11.20
C5 RW1 J . -17.16 9.48 -11.19
N1 RW1 J . -16.86 9.60 -8.87
C6 RW1 J . -17.43 10.09 -9.98
C7 RW1 J . -18.20 11.24 -9.92
C8 RW1 J . -18.18 12.05 -8.79
C12 RW1 J . -18.98 11.61 -11.02
C11 RW1 J . -19.73 12.78 -10.97
C10 RW1 J . -19.71 13.58 -9.84
C9 RW1 J . -18.93 13.22 -8.75
CL CL K . -19.29 6.62 -11.60
CL CL L . 8.68 1.62 -16.44
NA NA M . 9.09 -9.47 -11.30
CL CL N . 6.39 -9.27 -18.25
C2 RW1 O . -7.46 -8.84 7.19
N3 RW1 O . -7.54 -7.53 7.13
C4 RW1 O . -7.68 -6.79 8.21
C5 RW1 O . -7.77 -7.41 9.45
N1 RW1 O . -7.53 -9.47 8.35
C6 RW1 O . -7.68 -8.79 9.50
C7 RW1 O . -7.67 -9.46 10.72
C8 RW1 O . -7.23 -10.77 10.80
C12 RW1 O . -8.07 -8.80 11.89
C11 RW1 O . -8.04 -9.46 13.11
C10 RW1 O . -7.59 -10.78 13.18
C9 RW1 O . -7.18 -11.43 12.03
CL CL P . -11.14 -6.45 8.65
CL CL Q . 9.22 6.26 -7.31
NA NA R . 3.14 6.00 -17.93
CL CL S . 1.23 11.50 -13.28
C2 RW1 T . 29.31 16.35 19.66
N3 RW1 T . 28.03 16.19 19.92
C4 RW1 T . 27.14 17.11 19.59
C5 RW1 T . 27.57 18.27 18.96
N1 RW1 T . 29.76 17.43 19.05
C6 RW1 T . 28.92 18.41 18.69
C7 RW1 T . 29.39 19.51 17.97
C8 RW1 T . 30.65 19.49 17.40
C12 RW1 T . 28.59 20.64 17.82
C11 RW1 T . 29.04 21.73 17.08
C10 RW1 T . 30.30 21.69 16.50
C9 RW1 T . 31.11 20.57 16.66
CL CL U . 26.92 19.23 22.36
CL CL V . 15.78 -6.20 14.63
NA NA W . 17.98 -12.03 25.14
CL CL X . 11.94 -7.68 25.12
#